data_7UJ6
#
_entry.id   7UJ6
#
_cell.length_a   52.316
_cell.length_b   52.343
_cell.length_c   116.682
_cell.angle_alpha   90.000
_cell.angle_beta   92.490
_cell.angle_gamma   90.000
#
_symmetry.space_group_name_H-M   'P 1 21 1'
#
loop_
_entity.id
_entity.type
_entity.pdbx_description
1 polymer 'Outer surface protein C'
2 water water
#
_entity_poly.entity_id   1
_entity_poly.type   'polypeptide(L)'
_entity_poly.pdbx_seq_one_letter_code
;KGPNLTEISKKITESNAVVLAVKEIETLLASIDELATKAIGKKIQQNGGLAVEAGHNGTLLAGAYTISKLITQKLDGLKN
SEKLKEKIENAKKCSEDFTKKLEGEHAQLGIENVTDENAKKAILITDAAKDKGAAELEKLFKAVENLAKAAKEMLANSVK
ELTSP
;
_entity_poly.pdbx_strand_id   A,B,C,D
#
# COMPACT_ATOMS: atom_id res chain seq x y z
N LEU A 5 -15.07 16.14 38.53
CA LEU A 5 -16.48 16.49 38.38
C LEU A 5 -17.22 15.43 37.57
N THR A 6 -18.45 15.12 37.99
CA THR A 6 -19.30 14.18 37.27
C THR A 6 -19.82 14.76 35.96
N GLU A 7 -19.89 16.09 35.87
CA GLU A 7 -20.36 16.79 34.68
C GLU A 7 -19.41 16.64 33.50
N ILE A 8 -18.12 16.37 33.76
CA ILE A 8 -17.16 16.21 32.67
C ILE A 8 -17.54 15.01 31.81
N SER A 9 -18.06 13.97 32.45
CA SER A 9 -18.48 12.77 31.71
C SER A 9 -19.52 13.12 30.65
N LYS A 10 -20.40 14.08 30.92
CA LYS A 10 -21.35 14.52 29.90
C LYS A 10 -20.62 15.12 28.70
N LYS A 11 -19.50 15.80 28.94
CA LYS A 11 -18.72 16.38 27.85
C LYS A 11 -18.02 15.29 27.04
N ILE A 12 -17.55 14.23 27.71
CA ILE A 12 -16.84 13.17 27.02
C ILE A 12 -17.77 12.43 26.07
N THR A 13 -18.97 12.09 26.54
CA THR A 13 -19.89 11.31 25.71
C THR A 13 -20.41 12.12 24.54
N GLU A 14 -20.73 13.39 24.76
CA GLU A 14 -21.29 14.20 23.68
C GLU A 14 -20.25 14.54 22.63
N SER A 15 -19.01 14.76 23.03
CA SER A 15 -17.94 15.00 22.07
C SER A 15 -17.50 13.71 21.38
N ASN A 16 -17.62 12.57 22.06
CA ASN A 16 -17.33 11.30 21.41
C ASN A 16 -18.39 10.94 20.38
N ALA A 17 -19.64 11.39 20.61
CA ALA A 17 -20.68 11.17 19.61
C ALA A 17 -20.37 11.90 18.31
N VAL A 18 -19.71 13.05 18.39
CA VAL A 18 -19.29 13.76 17.19
C VAL A 18 -18.18 12.99 16.48
N VAL A 19 -17.22 12.47 17.25
CA VAL A 19 -16.13 11.69 16.65
C VAL A 19 -16.70 10.47 15.95
N LEU A 20 -17.68 9.80 16.57
CA LEU A 20 -18.31 8.64 15.94
C LEU A 20 -19.04 9.04 14.67
N ALA A 21 -19.76 10.17 14.71
CA ALA A 21 -20.52 10.60 13.53
C ALA A 21 -19.62 11.02 12.38
N VAL A 22 -18.46 11.61 12.68
CA VAL A 22 -17.54 11.98 11.62
C VAL A 22 -16.86 10.74 11.05
N LYS A 23 -16.53 9.78 11.91
CA LYS A 23 -15.92 8.53 11.45
C LYS A 23 -16.82 7.81 10.46
N GLU A 24 -18.13 7.85 10.68
CA GLU A 24 -19.08 7.29 9.73
C GLU A 24 -18.92 7.93 8.36
N ILE A 25 -18.75 9.25 8.31
CA ILE A 25 -18.58 9.95 7.04
C ILE A 25 -17.23 9.58 6.41
N GLU A 26 -16.17 9.52 7.23
CA GLU A 26 -14.86 9.12 6.72
C GLU A 26 -14.93 7.74 6.08
N THR A 27 -15.65 6.81 6.70
CA THR A 27 -15.69 5.44 6.19
C THR A 27 -16.50 5.35 4.89
N LEU A 28 -17.55 6.14 4.78
CA LEU A 28 -18.29 6.20 3.51
C LEU A 28 -17.39 6.68 2.38
N LEU A 29 -16.51 7.65 2.66
CA LEU A 29 -15.54 8.10 1.67
C LEU A 29 -14.54 7.00 1.36
N ALA A 30 -14.11 6.24 2.37
CA ALA A 30 -13.19 5.14 2.14
C ALA A 30 -13.82 4.07 1.25
N SER A 31 -15.13 3.86 1.35
CA SER A 31 -15.76 2.85 0.50
C SER A 31 -15.74 3.31 -0.96
N ILE A 32 -15.99 4.59 -1.21
CA ILE A 32 -15.88 5.12 -2.56
C ILE A 32 -14.46 4.95 -3.09
N ASP A 33 -13.45 5.26 -2.27
CA ASP A 33 -12.07 5.07 -2.70
C ASP A 33 -11.77 3.59 -2.95
N GLU A 34 -12.43 2.70 -2.20
CA GLU A 34 -12.21 1.27 -2.42
C GLU A 34 -12.86 0.81 -3.72
N LEU A 35 -14.06 1.33 -4.03
CA LEU A 35 -14.67 1.06 -5.33
C LEU A 35 -13.79 1.57 -6.46
N ALA A 36 -13.20 2.76 -6.28
CA ALA A 36 -12.42 3.37 -7.35
C ALA A 36 -11.11 2.63 -7.60
N THR A 37 -10.40 2.22 -6.55
CA THR A 37 -9.09 1.63 -6.75
C THR A 37 -9.13 0.14 -7.08
N LYS A 38 -10.22 -0.55 -6.76
CA LYS A 38 -10.26 -2.00 -6.92
C LYS A 38 -11.34 -2.52 -7.86
N ALA A 39 -12.49 -1.86 -7.95
CA ALA A 39 -13.65 -2.44 -8.62
C ALA A 39 -13.85 -1.96 -10.05
N ILE A 40 -13.31 -0.81 -10.44
CA ILE A 40 -13.53 -0.30 -11.79
C ILE A 40 -12.98 -1.28 -12.81
N GLY A 41 -13.82 -1.68 -13.76
CA GLY A 41 -13.38 -2.57 -14.81
C GLY A 41 -13.09 -3.98 -14.37
N LYS A 42 -13.73 -4.45 -13.30
CA LYS A 42 -13.44 -5.76 -12.71
C LYS A 42 -14.73 -6.56 -12.55
N LYS A 43 -14.55 -7.86 -12.29
CA LYS A 43 -15.65 -8.77 -12.01
C LYS A 43 -15.17 -9.84 -11.05
N ILE A 44 -16.12 -10.42 -10.31
CA ILE A 44 -15.80 -11.50 -9.38
C ILE A 44 -15.20 -12.65 -10.15
N GLN A 45 -14.12 -13.23 -9.61
CA GLN A 45 -13.36 -14.26 -10.30
C GLN A 45 -13.55 -15.61 -9.63
N GLN A 46 -13.62 -16.65 -10.46
CA GLN A 46 -13.60 -18.02 -9.96
C GLN A 46 -12.36 -18.23 -9.11
N ASN A 47 -12.53 -18.90 -7.97
CA ASN A 47 -11.51 -19.21 -6.97
C ASN A 47 -11.05 -17.99 -6.20
N GLY A 48 -11.68 -16.83 -6.40
CA GLY A 48 -11.41 -15.67 -5.57
C GLY A 48 -10.73 -14.55 -6.34
N GLY A 49 -10.79 -13.35 -5.77
CA GLY A 49 -10.19 -12.21 -6.42
C GLY A 49 -11.09 -11.65 -7.50
N LEU A 50 -10.55 -10.66 -8.20
CA LEU A 50 -11.24 -9.97 -9.28
C LEU A 50 -10.49 -10.17 -10.59
N ALA A 51 -11.26 -10.36 -11.68
CA ALA A 51 -10.70 -10.50 -13.01
C ALA A 51 -11.02 -9.26 -13.84
N VAL A 52 -10.23 -9.04 -14.90
CA VAL A 52 -10.42 -7.87 -15.74
C VAL A 52 -11.71 -8.01 -16.54
N GLU A 53 -12.50 -6.94 -16.55
CA GLU A 53 -13.73 -6.88 -17.35
C GLU A 53 -13.96 -5.39 -17.66
N ALA A 54 -13.40 -4.94 -18.77
CA ALA A 54 -13.30 -3.51 -19.04
C ALA A 54 -14.67 -2.91 -19.31
N GLY A 55 -14.86 -1.68 -18.83
CA GLY A 55 -16.07 -0.95 -19.12
C GLY A 55 -17.19 -1.41 -18.23
N HIS A 56 -18.40 -1.02 -18.64
CA HIS A 56 -19.63 -1.39 -17.93
C HIS A 56 -19.57 -0.96 -16.47
N ASN A 57 -19.11 0.26 -16.23
CA ASN A 57 -19.01 0.81 -14.89
C ASN A 57 -20.22 1.64 -14.51
N GLY A 58 -21.29 1.57 -15.31
CA GLY A 58 -22.42 2.47 -15.12
C GLY A 58 -23.14 2.28 -13.78
N THR A 59 -23.35 1.03 -13.39
N THR A 59 -23.37 1.02 -13.41
CA THR A 59 -24.05 0.79 -12.13
CA THR A 59 -24.04 0.76 -12.13
C THR A 59 -23.12 1.01 -10.93
C THR A 59 -23.12 1.04 -10.95
N LEU A 60 -21.82 0.78 -11.12
CA LEU A 60 -20.85 1.11 -10.07
C LEU A 60 -20.82 2.61 -9.78
N LEU A 61 -20.91 3.43 -10.83
CA LEU A 61 -20.96 4.89 -10.62
C LEU A 61 -22.27 5.31 -9.99
N ALA A 62 -23.37 4.62 -10.30
CA ALA A 62 -24.63 4.86 -9.60
C ALA A 62 -24.50 4.61 -8.11
N GLY A 63 -23.71 3.60 -7.74
CA GLY A 63 -23.47 3.34 -6.33
C GLY A 63 -22.63 4.41 -5.66
N ALA A 64 -21.58 4.89 -6.34
CA ALA A 64 -20.80 5.99 -5.78
C ALA A 64 -21.65 7.25 -5.67
N TYR A 65 -22.49 7.51 -6.67
CA TYR A 65 -23.44 8.62 -6.58
C TYR A 65 -24.35 8.47 -5.36
N THR A 66 -24.85 7.27 -5.11
CA THR A 66 -25.75 7.08 -3.97
C THR A 66 -25.02 7.30 -2.65
N ILE A 67 -23.77 6.82 -2.55
CA ILE A 67 -23.01 7.01 -1.33
C ILE A 67 -22.67 8.49 -1.13
N SER A 68 -22.41 9.21 -2.22
CA SER A 68 -22.17 10.64 -2.12
C SER A 68 -23.37 11.37 -1.52
N LYS A 69 -24.59 10.92 -1.88
CA LYS A 69 -25.77 11.54 -1.32
C LYS A 69 -25.97 11.15 0.14
N LEU A 70 -25.57 9.95 0.53
CA LEU A 70 -25.61 9.59 1.94
C LEU A 70 -24.64 10.42 2.76
N ILE A 71 -23.49 10.76 2.18
CA ILE A 71 -22.51 11.59 2.87
C ILE A 71 -23.10 12.97 3.15
N THR A 72 -23.80 13.55 2.17
CA THR A 72 -24.44 14.85 2.40
C THR A 72 -25.48 14.78 3.50
N GLN A 73 -26.27 13.70 3.53
CA GLN A 73 -27.26 13.54 4.61
C GLN A 73 -26.59 13.47 5.97
N LYS A 74 -25.51 12.70 6.08
CA LYS A 74 -24.84 12.55 7.37
C LYS A 74 -24.22 13.87 7.83
N LEU A 75 -23.65 14.65 6.90
CA LEU A 75 -23.13 15.96 7.26
C LEU A 75 -24.22 16.89 7.76
N ASP A 76 -25.45 16.73 7.26
CA ASP A 76 -26.57 17.52 7.75
C ASP A 76 -26.92 17.17 9.19
N GLY A 77 -26.74 15.90 9.58
CA GLY A 77 -27.04 15.46 10.93
C GLY A 77 -26.07 15.92 11.99
N LEU A 78 -25.02 16.63 11.63
CA LEU A 78 -24.04 17.11 12.59
C LEU A 78 -24.49 18.40 13.25
N SER A 81 -22.87 21.57 17.64
CA SER A 81 -21.46 21.88 17.89
C SER A 81 -21.07 23.18 17.20
N GLU A 82 -21.24 24.29 17.92
CA GLU A 82 -21.01 25.62 17.36
C GLU A 82 -19.52 25.90 17.08
N LYS A 83 -18.61 25.05 17.58
CA LYS A 83 -17.20 25.25 17.30
C LYS A 83 -16.83 24.81 15.88
N LEU A 84 -17.43 23.72 15.40
CA LEU A 84 -17.08 23.10 14.14
C LEU A 84 -17.95 23.56 12.97
N LYS A 85 -18.72 24.64 13.12
CA LYS A 85 -19.71 24.99 12.11
C LYS A 85 -19.06 25.25 10.75
N GLU A 86 -17.96 25.98 10.70
CA GLU A 86 -17.36 26.30 9.41
C GLU A 86 -16.74 25.07 8.76
N LYS A 87 -16.08 24.21 9.55
CA LYS A 87 -15.53 22.98 9.01
C LYS A 87 -16.63 22.04 8.54
N ILE A 88 -17.76 22.03 9.25
CA ILE A 88 -18.90 21.20 8.82
C ILE A 88 -19.51 21.77 7.54
N GLU A 89 -19.71 23.09 7.50
CA GLU A 89 -20.32 23.71 6.32
C GLU A 89 -19.42 23.60 5.10
N ASN A 90 -18.09 23.63 5.30
CA ASN A 90 -17.18 23.48 4.17
C ASN A 90 -17.28 22.08 3.58
N ALA A 91 -17.32 21.05 4.44
CA ALA A 91 -17.44 19.68 3.94
C ALA A 91 -18.79 19.46 3.27
N LYS A 92 -19.86 20.05 3.81
CA LYS A 92 -21.17 19.91 3.19
C LYS A 92 -21.17 20.52 1.80
N LYS A 93 -20.54 21.69 1.65
CA LYS A 93 -20.43 22.33 0.34
C LYS A 93 -19.64 21.45 -0.62
N CYS A 94 -18.55 20.85 -0.14
CA CYS A 94 -17.75 19.97 -1.01
C CYS A 94 -18.54 18.72 -1.41
N SER A 95 -19.36 18.19 -0.49
CA SER A 95 -20.12 17.00 -0.84
C SER A 95 -21.18 17.30 -1.90
N GLU A 96 -21.82 18.47 -1.81
CA GLU A 96 -22.80 18.84 -2.82
C GLU A 96 -22.13 19.10 -4.17
N ASP A 97 -20.95 19.74 -4.16
CA ASP A 97 -20.22 19.98 -5.40
C ASP A 97 -19.86 18.67 -6.10
N PHE A 98 -19.46 17.66 -5.33
CA PHE A 98 -19.13 16.36 -5.92
C PHE A 98 -20.34 15.71 -6.57
N THR A 99 -21.46 15.67 -5.85
CA THR A 99 -22.68 15.10 -6.41
C THR A 99 -23.10 15.84 -7.66
N LYS A 100 -23.09 17.18 -7.62
CA LYS A 100 -23.51 17.95 -8.78
C LYS A 100 -22.56 17.73 -9.96
N LYS A 101 -21.27 17.51 -9.70
CA LYS A 101 -20.34 17.28 -10.80
C LYS A 101 -20.66 15.96 -11.49
N LEU A 102 -20.91 14.90 -10.73
CA LEU A 102 -21.32 13.63 -11.33
C LEU A 102 -22.56 13.78 -12.19
N GLU A 103 -23.55 14.54 -11.71
CA GLU A 103 -24.77 14.74 -12.49
C GLU A 103 -24.48 15.48 -13.78
N GLY A 104 -23.62 16.50 -13.74
CA GLY A 104 -23.31 17.26 -14.93
C GLY A 104 -22.62 16.45 -16.02
N GLU A 105 -21.95 15.36 -15.65
CA GLU A 105 -21.26 14.49 -16.61
C GLU A 105 -22.10 13.29 -17.01
N HIS A 106 -23.42 13.40 -16.95
CA HIS A 106 -24.31 12.27 -17.21
C HIS A 106 -24.12 11.71 -18.62
N ALA A 107 -23.69 12.54 -19.57
CA ALA A 107 -23.53 12.06 -20.94
C ALA A 107 -22.52 10.91 -21.03
N GLN A 108 -21.46 10.97 -20.21
CA GLN A 108 -20.43 9.95 -20.21
C GLN A 108 -20.52 9.00 -19.03
N LEU A 109 -21.04 9.47 -17.89
CA LEU A 109 -21.16 8.65 -16.70
C LEU A 109 -22.52 7.99 -16.54
N GLY A 110 -23.55 8.52 -17.20
CA GLY A 110 -24.90 8.02 -17.05
C GLY A 110 -25.31 7.10 -18.18
N ILE A 111 -24.47 6.13 -18.47
CA ILE A 111 -24.76 5.12 -19.46
C ILE A 111 -24.42 3.78 -18.83
N GLU A 112 -24.80 2.70 -19.51
CA GLU A 112 -24.43 1.39 -19.02
C GLU A 112 -22.93 1.18 -19.14
N ASN A 113 -22.39 1.43 -20.33
CA ASN A 113 -21.02 1.05 -20.67
C ASN A 113 -20.06 2.21 -20.41
N VAL A 114 -19.98 2.62 -19.14
CA VAL A 114 -19.03 3.66 -18.76
C VAL A 114 -17.63 3.07 -18.84
N THR A 115 -16.76 3.72 -19.61
CA THR A 115 -15.41 3.22 -19.79
C THR A 115 -14.62 3.31 -18.48
N ASP A 116 -13.60 2.47 -18.36
CA ASP A 116 -12.72 2.55 -17.20
C ASP A 116 -12.13 3.94 -17.05
N GLU A 117 -11.73 4.55 -18.17
CA GLU A 117 -11.12 5.87 -18.14
C GLU A 117 -12.09 6.90 -17.55
N ASN A 118 -13.33 6.90 -18.02
CA ASN A 118 -14.28 7.90 -17.54
C ASN A 118 -14.69 7.65 -16.10
N ALA A 119 -14.79 6.38 -15.69
CA ALA A 119 -15.09 6.09 -14.29
C ALA A 119 -13.98 6.58 -13.38
N LYS A 120 -12.72 6.39 -13.80
CA LYS A 120 -11.59 6.88 -13.00
C LYS A 120 -11.58 8.40 -12.91
N LYS A 121 -11.89 9.09 -14.01
CA LYS A 121 -11.99 10.55 -13.97
C LYS A 121 -13.05 11.03 -12.99
N ALA A 122 -13.99 10.16 -12.59
CA ALA A 122 -15.08 10.54 -11.72
C ALA A 122 -14.81 10.27 -10.24
N ILE A 123 -14.19 9.14 -9.89
CA ILE A 123 -14.10 8.74 -8.49
C ILE A 123 -12.70 8.30 -8.06
N LEU A 124 -11.71 8.29 -8.94
CA LEU A 124 -10.34 7.90 -8.58
C LEU A 124 -9.50 9.16 -8.38
N ILE A 125 -9.23 9.52 -7.12
CA ILE A 125 -8.60 10.80 -6.84
C ILE A 125 -7.14 10.84 -7.29
N THR A 126 -6.51 9.69 -7.52
CA THR A 126 -5.16 9.69 -8.06
C THR A 126 -5.13 9.71 -9.58
N ASP A 127 -6.30 9.72 -10.22
CA ASP A 127 -6.36 9.84 -11.67
C ASP A 127 -5.72 11.15 -12.10
N ALA A 128 -4.98 11.10 -13.21
CA ALA A 128 -4.23 12.28 -13.65
C ALA A 128 -5.15 13.40 -14.11
N ALA A 129 -6.19 13.08 -14.88
CA ALA A 129 -7.07 14.11 -15.41
C ALA A 129 -8.11 14.54 -14.38
N LYS A 130 -8.75 13.57 -13.74
CA LYS A 130 -9.73 13.75 -12.65
C LYS A 130 -10.68 14.92 -12.92
N ASP A 131 -11.23 14.96 -14.14
CA ASP A 131 -12.05 16.07 -14.58
C ASP A 131 -13.53 15.72 -14.72
N LYS A 132 -13.98 14.59 -14.16
CA LYS A 132 -15.39 14.24 -14.17
C LYS A 132 -15.95 14.02 -12.76
N GLY A 133 -15.28 14.59 -11.74
CA GLY A 133 -15.76 14.49 -10.38
C GLY A 133 -14.67 14.18 -9.37
N ALA A 134 -13.58 13.54 -9.82
CA ALA A 134 -12.58 13.10 -8.87
C ALA A 134 -11.88 14.28 -8.20
N ALA A 135 -11.77 15.42 -8.89
CA ALA A 135 -11.19 16.60 -8.26
C ALA A 135 -12.06 17.14 -7.14
N GLU A 136 -13.38 17.13 -7.34
CA GLU A 136 -14.29 17.48 -6.26
C GLU A 136 -14.25 16.46 -5.14
N LEU A 137 -14.12 15.17 -5.48
CA LEU A 137 -13.98 14.15 -4.45
C LEU A 137 -12.73 14.36 -3.62
N GLU A 138 -11.63 14.75 -4.26
CA GLU A 138 -10.40 15.01 -3.53
C GLU A 138 -10.56 16.18 -2.57
N LYS A 139 -11.30 17.21 -2.97
CA LYS A 139 -11.57 18.33 -2.06
C LYS A 139 -12.45 17.87 -0.90
N LEU A 140 -13.41 16.98 -1.18
CA LEU A 140 -14.27 16.46 -0.13
C LEU A 140 -13.50 15.63 0.88
N PHE A 141 -12.55 14.81 0.41
CA PHE A 141 -11.67 14.06 1.31
C PHE A 141 -10.94 15.00 2.26
N LYS A 142 -10.37 16.08 1.72
CA LYS A 142 -9.60 17.02 2.53
C LYS A 142 -10.48 17.74 3.55
N ALA A 143 -11.68 18.14 3.14
CA ALA A 143 -12.59 18.82 4.06
C ALA A 143 -13.01 17.90 5.20
N VAL A 144 -13.22 16.61 4.92
CA VAL A 144 -13.65 15.70 5.97
C VAL A 144 -12.49 15.31 6.89
N GLU A 145 -11.29 15.09 6.33
CA GLU A 145 -10.16 14.77 7.20
C GLU A 145 -9.79 15.94 8.10
N ASN A 146 -9.94 17.17 7.59
CA ASN A 146 -9.72 18.34 8.43
C ASN A 146 -10.79 18.44 9.52
N LEU A 147 -12.03 18.08 9.18
CA LEU A 147 -13.09 18.03 10.19
C LEU A 147 -12.83 16.96 11.23
N ALA A 148 -12.33 15.80 10.80
CA ALA A 148 -12.05 14.72 11.74
C ALA A 148 -10.95 15.11 12.73
N LYS A 149 -9.88 15.74 12.23
CA LYS A 149 -8.78 16.14 13.10
C LYS A 149 -9.25 17.11 14.16
N ALA A 150 -10.13 18.05 13.80
CA ALA A 150 -10.63 19.02 14.76
C ALA A 150 -11.54 18.35 15.79
N ALA A 151 -12.35 17.38 15.36
CA ALA A 151 -13.23 16.69 16.30
C ALA A 151 -12.46 15.84 17.30
N LYS A 152 -11.42 15.14 16.83
CA LYS A 152 -10.61 14.34 17.75
C LYS A 152 -9.80 15.22 18.69
N GLU A 153 -9.46 16.44 18.27
CA GLU A 153 -8.78 17.36 19.19
C GLU A 153 -9.71 17.84 20.28
N MET A 154 -10.99 18.03 19.97
CA MET A 154 -11.96 18.43 21.00
C MET A 154 -12.19 17.30 21.99
N LEU A 155 -12.20 16.05 21.51
CA LEU A 155 -12.37 14.91 22.42
C LEU A 155 -11.15 14.71 23.30
N ALA A 156 -9.96 14.99 22.78
CA ALA A 156 -8.75 14.86 23.58
C ALA A 156 -8.68 15.91 24.68
N ASN A 157 -9.22 17.11 24.42
CA ASN A 157 -9.25 18.13 25.46
C ASN A 157 -10.24 17.79 26.56
N SER A 158 -11.34 17.11 26.21
CA SER A 158 -12.31 16.70 27.21
C SER A 158 -11.77 15.58 28.12
N VAL A 159 -11.04 14.62 27.54
CA VAL A 159 -10.61 13.45 28.30
C VAL A 159 -9.48 13.76 29.28
N LYS A 160 -8.70 14.81 29.07
CA LYS A 160 -7.63 15.12 30.00
C LYS A 160 -8.19 15.66 31.32
N LEU B 5 -8.05 7.60 39.16
CA LEU B 5 -8.63 8.52 38.17
C LEU B 5 -7.75 8.57 36.93
N THR B 6 -6.47 8.23 37.10
CA THR B 6 -5.58 8.15 35.95
C THR B 6 -5.89 6.92 35.12
N GLU B 7 -6.45 5.88 35.75
CA GLU B 7 -6.84 4.67 35.03
C GLU B 7 -8.08 4.89 34.19
N ILE B 8 -8.96 5.79 34.62
CA ILE B 8 -10.21 5.97 33.91
C ILE B 8 -9.97 6.58 32.54
N SER B 9 -9.11 7.60 32.46
CA SER B 9 -8.81 8.21 31.16
C SER B 9 -8.17 7.21 30.21
N LYS B 10 -7.27 6.36 30.72
CA LYS B 10 -6.70 5.30 29.90
C LYS B 10 -7.76 4.28 29.48
N LYS B 11 -8.69 3.97 30.39
CA LYS B 11 -9.73 3.00 30.07
C LYS B 11 -10.76 3.57 29.11
N ILE B 12 -11.10 4.85 29.25
CA ILE B 12 -12.10 5.46 28.38
C ILE B 12 -11.57 5.58 26.95
N THR B 13 -10.33 6.04 26.78
CA THR B 13 -9.79 6.25 25.44
C THR B 13 -9.60 4.93 24.70
N GLU B 14 -9.12 3.90 25.40
CA GLU B 14 -8.87 2.62 24.74
C GLU B 14 -10.17 1.90 24.40
N SER B 15 -11.20 2.05 25.24
CA SER B 15 -12.49 1.45 24.93
C SER B 15 -13.20 2.23 23.83
N ASN B 16 -12.95 3.53 23.73
CA ASN B 16 -13.49 4.32 22.63
C ASN B 16 -12.81 3.97 21.31
N ALA B 17 -11.55 3.54 21.35
CA ALA B 17 -10.87 3.10 20.14
C ALA B 17 -11.53 1.86 19.56
N VAL B 18 -12.06 0.98 20.42
CA VAL B 18 -12.79 -0.18 19.93
C VAL B 18 -14.12 0.26 19.32
N VAL B 19 -14.83 1.17 19.98
CA VAL B 19 -16.10 1.66 19.46
C VAL B 19 -15.89 2.33 18.10
N LEU B 20 -14.83 3.12 17.96
CA LEU B 20 -14.54 3.76 16.68
C LEU B 20 -14.22 2.72 15.61
N ALA B 21 -13.41 1.72 15.97
CA ALA B 21 -13.04 0.69 15.01
C ALA B 21 -14.23 -0.17 14.60
N VAL B 22 -15.17 -0.40 15.52
CA VAL B 22 -16.36 -1.16 15.17
C VAL B 22 -17.29 -0.32 14.30
N LYS B 23 -17.37 0.99 14.57
CA LYS B 23 -18.18 1.88 13.74
C LYS B 23 -17.71 1.87 12.30
N GLU B 24 -16.40 1.76 12.08
CA GLU B 24 -15.87 1.64 10.73
C GLU B 24 -16.44 0.41 10.03
N ILE B 25 -16.51 -0.73 10.73
CA ILE B 25 -17.06 -1.94 10.14
C ILE B 25 -18.56 -1.82 9.92
N GLU B 26 -19.27 -1.20 10.87
CA GLU B 26 -20.70 -0.97 10.70
C GLU B 26 -20.97 -0.15 9.44
N THR B 27 -20.18 0.91 9.22
CA THR B 27 -20.43 1.80 8.09
C THR B 27 -20.08 1.13 6.77
N LEU B 28 -19.03 0.31 6.75
CA LEU B 28 -18.72 -0.45 5.54
C LEU B 28 -19.89 -1.38 5.15
N LEU B 29 -20.53 -1.99 6.15
CA LEU B 29 -21.71 -2.80 5.87
C LEU B 29 -22.86 -1.95 5.35
N ALA B 30 -23.03 -0.75 5.91
CA ALA B 30 -24.10 0.14 5.47
C ALA B 30 -23.90 0.58 4.01
N SER B 31 -22.65 0.75 3.58
CA SER B 31 -22.41 1.12 2.19
C SER B 31 -22.77 0.01 1.23
N ILE B 32 -22.56 -1.25 1.62
CA ILE B 32 -23.02 -2.37 0.80
C ILE B 32 -24.54 -2.38 0.73
N ASP B 33 -25.21 -2.16 1.87
CA ASP B 33 -26.67 -2.11 1.88
C ASP B 33 -27.19 -0.96 1.03
N GLU B 34 -26.45 0.14 0.96
CA GLU B 34 -26.86 1.26 0.13
C GLU B 34 -26.70 0.94 -1.36
N LEU B 35 -25.61 0.26 -1.72
CA LEU B 35 -25.48 -0.22 -3.10
C LEU B 35 -26.62 -1.16 -3.45
N ALA B 36 -26.99 -2.03 -2.52
CA ALA B 36 -28.00 -3.05 -2.80
C ALA B 36 -29.40 -2.44 -2.95
N THR B 37 -29.75 -1.51 -2.07
CA THR B 37 -31.12 -0.98 -2.05
C THR B 37 -31.35 0.14 -3.06
N LYS B 38 -30.30 0.80 -3.54
CA LYS B 38 -30.47 1.99 -4.36
C LYS B 38 -29.84 1.89 -5.75
N ALA B 39 -28.73 1.17 -5.90
CA ALA B 39 -27.92 1.24 -7.10
C ALA B 39 -28.11 0.06 -8.06
N ILE B 40 -28.63 -1.08 -7.60
CA ILE B 40 -28.74 -2.23 -8.49
C ILE B 40 -29.65 -1.88 -9.67
N GLY B 41 -29.14 -2.09 -10.88
CA GLY B 41 -29.94 -1.85 -12.06
C GLY B 41 -30.19 -0.38 -12.36
N LYS B 42 -29.29 0.51 -11.94
CA LYS B 42 -29.50 1.94 -12.07
C LYS B 42 -28.30 2.58 -12.77
N LYS B 43 -28.50 3.82 -13.20
CA LYS B 43 -27.46 4.62 -13.81
C LYS B 43 -27.71 6.08 -13.46
N ILE B 44 -26.63 6.88 -13.48
CA ILE B 44 -26.76 8.31 -13.20
C ILE B 44 -27.67 8.96 -14.24
N GLN B 45 -28.55 9.84 -13.76
CA GLN B 45 -29.58 10.47 -14.58
C GLN B 45 -29.27 11.94 -14.80
N GLN B 46 -29.58 12.43 -16.00
CA GLN B 46 -29.53 13.86 -16.25
C GLN B 46 -30.42 14.61 -15.25
N ASN B 47 -29.90 15.72 -14.72
CA ASN B 47 -30.56 16.57 -13.74
C ASN B 47 -30.68 15.93 -12.36
N GLY B 48 -30.10 14.77 -12.15
CA GLY B 48 -30.04 14.21 -10.82
C GLY B 48 -30.89 12.96 -10.69
N GLY B 49 -30.61 12.21 -9.62
CA GLY B 49 -31.31 10.97 -9.38
C GLY B 49 -30.74 9.83 -10.22
N LEU B 50 -31.38 8.68 -10.10
CA LEU B 50 -30.97 7.48 -10.79
C LEU B 50 -32.06 7.02 -11.75
N ALA B 51 -31.65 6.57 -12.92
CA ALA B 51 -32.56 6.03 -13.93
C ALA B 51 -32.35 4.53 -14.05
N VAL B 52 -33.40 3.85 -14.51
CA VAL B 52 -33.37 2.39 -14.63
C VAL B 52 -32.45 1.98 -15.78
N GLU B 53 -31.60 0.98 -15.52
CA GLU B 53 -30.76 0.37 -16.55
C GLU B 53 -30.49 -1.07 -16.08
N ALA B 54 -31.38 -1.97 -16.48
CA ALA B 54 -31.39 -3.32 -15.92
C ALA B 54 -30.24 -4.19 -16.43
N GLY B 55 -29.72 -5.03 -15.54
CA GLY B 55 -28.89 -6.15 -15.94
C GLY B 55 -27.43 -5.94 -16.28
N HIS B 56 -26.75 -5.01 -15.61
CA HIS B 56 -25.32 -4.80 -15.83
C HIS B 56 -24.64 -4.51 -14.50
N ASN B 57 -24.91 -5.37 -13.52
CA ASN B 57 -24.46 -5.18 -12.16
C ASN B 57 -23.12 -5.83 -11.85
N GLY B 58 -22.37 -6.24 -12.89
CA GLY B 58 -21.14 -7.00 -12.65
C GLY B 58 -20.09 -6.22 -11.90
N THR B 59 -19.85 -4.96 -12.31
CA THR B 59 -18.84 -4.17 -11.62
C THR B 59 -19.31 -3.71 -10.25
N LEU B 60 -20.62 -3.55 -10.08
CA LEU B 60 -21.15 -3.21 -8.76
C LEU B 60 -20.92 -4.34 -7.76
N LEU B 61 -21.10 -5.59 -8.20
CA LEU B 61 -20.83 -6.71 -7.31
C LEU B 61 -19.34 -6.88 -7.02
N ALA B 62 -18.48 -6.54 -7.99
CA ALA B 62 -17.05 -6.49 -7.69
C ALA B 62 -16.76 -5.49 -6.59
N GLY B 63 -17.51 -4.39 -6.55
CA GLY B 63 -17.32 -3.42 -5.48
C GLY B 63 -17.75 -3.94 -4.13
N ALA B 64 -18.91 -4.61 -4.07
CA ALA B 64 -19.33 -5.21 -2.81
C ALA B 64 -18.35 -6.29 -2.38
N TYR B 65 -17.85 -7.06 -3.34
CA TYR B 65 -16.81 -8.05 -3.05
C TYR B 65 -15.59 -7.40 -2.41
N THR B 66 -15.13 -6.26 -2.96
CA THR B 66 -13.96 -5.60 -2.42
C THR B 66 -14.23 -5.06 -1.02
N ILE B 67 -15.42 -4.52 -0.79
CA ILE B 67 -15.74 -4.00 0.54
C ILE B 67 -15.83 -5.14 1.55
N SER B 68 -16.37 -6.30 1.13
CA SER B 68 -16.36 -7.46 2.01
C SER B 68 -14.94 -7.86 2.37
N LYS B 69 -14.01 -7.72 1.43
CA LYS B 69 -12.61 -8.00 1.72
C LYS B 69 -11.99 -6.93 2.60
N LEU B 70 -12.49 -5.69 2.56
CA LEU B 70 -12.05 -4.69 3.54
C LEU B 70 -12.59 -4.98 4.94
N ILE B 71 -13.81 -5.51 5.05
CA ILE B 71 -14.44 -5.79 6.35
C ILE B 71 -13.68 -6.83 7.15
N THR B 72 -13.28 -7.95 6.53
CA THR B 72 -12.49 -8.95 7.27
C THR B 72 -11.16 -8.36 7.73
N GLN B 73 -10.53 -7.54 6.88
CA GLN B 73 -9.28 -6.91 7.24
C GLN B 73 -9.43 -6.05 8.48
N LYS B 74 -10.52 -5.28 8.57
CA LYS B 74 -10.73 -4.45 9.76
C LYS B 74 -10.97 -5.32 10.98
N LEU B 75 -11.70 -6.42 10.81
CA LEU B 75 -11.91 -7.35 11.92
C LEU B 75 -10.61 -7.97 12.39
N ASP B 76 -9.62 -8.13 11.49
CA ASP B 76 -8.32 -8.65 11.90
C ASP B 76 -7.57 -7.67 12.81
N GLY B 77 -7.72 -6.38 12.57
CA GLY B 77 -7.06 -5.40 13.41
C GLY B 77 -7.63 -5.24 14.80
N LEU B 78 -8.74 -5.92 15.11
CA LEU B 78 -9.37 -5.80 16.40
C LEU B 78 -8.72 -6.75 17.40
N LYS B 79 -8.09 -6.19 18.43
CA LYS B 79 -7.51 -6.98 19.51
C LYS B 79 -7.24 -6.10 20.72
N SER B 81 -8.73 -7.85 23.15
CA SER B 81 -9.68 -7.69 24.25
C SER B 81 -10.31 -9.02 24.62
N GLU B 82 -10.00 -9.51 25.83
CA GLU B 82 -10.46 -10.83 26.25
C GLU B 82 -11.99 -10.90 26.33
N LYS B 83 -12.65 -9.77 26.56
CA LYS B 83 -14.10 -9.79 26.70
C LYS B 83 -14.78 -9.96 25.35
N LEU B 84 -14.24 -9.34 24.30
CA LEU B 84 -14.86 -9.35 22.98
C LEU B 84 -14.28 -10.42 22.06
N LYS B 85 -13.48 -11.35 22.59
CA LYS B 85 -12.77 -12.30 21.72
C LYS B 85 -13.75 -13.15 20.93
N GLU B 86 -14.78 -13.66 21.59
CA GLU B 86 -15.74 -14.54 20.92
C GLU B 86 -16.61 -13.77 19.94
N LYS B 87 -17.04 -12.56 20.30
CA LYS B 87 -17.86 -11.75 19.41
C LYS B 87 -17.07 -11.27 18.19
N ILE B 88 -15.78 -10.99 18.35
CA ILE B 88 -14.95 -10.61 17.21
C ILE B 88 -14.74 -11.80 16.28
N GLU B 89 -14.42 -12.96 16.85
CA GLU B 89 -14.16 -14.13 16.02
C GLU B 89 -15.40 -14.59 15.26
N ASN B 90 -16.58 -14.42 15.86
CA ASN B 90 -17.82 -14.77 15.17
C ASN B 90 -18.07 -13.86 13.97
N ALA B 91 -17.78 -12.56 14.11
CA ALA B 91 -17.96 -11.65 12.99
C ALA B 91 -16.98 -11.97 11.87
N LYS B 92 -15.75 -12.31 12.22
CA LYS B 92 -14.74 -12.62 11.21
C LYS B 92 -15.12 -13.86 10.40
N LYS B 93 -15.64 -14.89 11.07
CA LYS B 93 -16.07 -16.09 10.34
C LYS B 93 -17.23 -15.76 9.39
N CYS B 94 -18.18 -14.93 9.85
CA CYS B 94 -19.29 -14.52 9.00
C CYS B 94 -18.82 -13.69 7.82
N SER B 95 -17.80 -12.84 8.03
CA SER B 95 -17.32 -12.02 6.92
C SER B 95 -16.64 -12.88 5.86
N GLU B 96 -15.90 -13.89 6.29
CA GLU B 96 -15.26 -14.79 5.33
C GLU B 96 -16.29 -15.65 4.60
N ASP B 97 -17.33 -16.11 5.31
CA ASP B 97 -18.38 -16.89 4.65
C ASP B 97 -19.06 -16.09 3.55
N PHE B 98 -19.32 -14.80 3.80
CA PHE B 98 -19.94 -13.96 2.79
C PHE B 98 -19.05 -13.83 1.56
N THR B 99 -17.76 -13.52 1.77
CA THR B 99 -16.83 -13.41 0.65
C THR B 99 -16.76 -14.71 -0.13
N LYS B 100 -16.66 -15.84 0.58
CA LYS B 100 -16.52 -17.14 -0.08
C LYS B 100 -17.79 -17.49 -0.86
N LYS B 101 -18.97 -17.11 -0.35
CA LYS B 101 -20.21 -17.43 -1.06
C LYS B 101 -20.28 -16.67 -2.38
N LEU B 102 -19.92 -15.38 -2.36
CA LEU B 102 -19.86 -14.60 -3.60
C LEU B 102 -18.93 -15.26 -4.62
N GLU B 103 -17.76 -15.73 -4.17
CA GLU B 103 -16.82 -16.38 -5.06
C GLU B 103 -17.42 -17.65 -5.66
N GLY B 104 -18.14 -18.43 -4.85
CA GLY B 104 -18.73 -19.66 -5.35
C GLY B 104 -19.80 -19.45 -6.40
N GLU B 105 -20.41 -18.27 -6.43
CA GLU B 105 -21.45 -17.93 -7.40
C GLU B 105 -20.91 -17.19 -8.61
N HIS B 106 -19.63 -17.41 -8.94
CA HIS B 106 -18.98 -16.65 -10.01
C HIS B 106 -19.69 -16.86 -11.35
N ALA B 107 -20.28 -18.03 -11.57
CA ALA B 107 -20.93 -18.30 -12.85
C ALA B 107 -22.05 -17.31 -13.13
N GLN B 108 -22.73 -16.85 -12.09
N GLN B 108 -22.73 -16.84 -12.09
CA GLN B 108 -23.82 -15.89 -12.21
CA GLN B 108 -23.81 -15.86 -12.27
C GLN B 108 -23.45 -14.48 -11.79
C GLN B 108 -23.47 -14.47 -11.76
N LEU B 109 -22.54 -14.34 -10.81
CA LEU B 109 -22.14 -13.03 -10.30
C LEU B 109 -20.85 -12.51 -10.91
N GLY B 110 -20.03 -13.38 -11.46
CA GLY B 110 -18.73 -12.98 -11.99
C GLY B 110 -18.77 -12.80 -13.48
N ILE B 111 -19.79 -12.06 -13.95
CA ILE B 111 -19.92 -11.70 -15.35
C ILE B 111 -20.23 -10.21 -15.40
N GLU B 112 -20.16 -9.65 -16.60
CA GLU B 112 -20.51 -8.24 -16.79
C GLU B 112 -22.02 -8.02 -16.65
N ASN B 113 -22.81 -8.90 -17.27
N ASN B 113 -22.81 -8.85 -17.31
CA ASN B 113 -24.25 -8.77 -17.46
CA ASN B 113 -24.26 -8.63 -17.40
C ASN B 113 -25.04 -9.38 -16.30
C ASN B 113 -25.00 -9.40 -16.30
N VAL B 114 -24.65 -9.08 -15.06
CA VAL B 114 -25.32 -9.68 -13.91
C VAL B 114 -26.72 -9.10 -13.81
N THR B 115 -27.73 -9.97 -13.80
CA THR B 115 -29.11 -9.52 -13.76
C THR B 115 -29.43 -8.87 -12.41
N ASP B 116 -30.44 -7.99 -12.41
CA ASP B 116 -30.90 -7.39 -11.16
C ASP B 116 -31.27 -8.47 -10.15
N GLU B 117 -31.94 -9.53 -10.62
CA GLU B 117 -32.37 -10.59 -9.71
C GLU B 117 -31.18 -11.25 -9.00
N ASN B 118 -30.14 -11.59 -9.76
CA ASN B 118 -29.00 -12.27 -9.15
C ASN B 118 -28.21 -11.35 -8.24
N ALA B 119 -28.09 -10.07 -8.60
CA ALA B 119 -27.40 -9.12 -7.73
C ALA B 119 -28.12 -8.96 -6.39
N LYS B 120 -29.46 -8.92 -6.42
CA LYS B 120 -30.21 -8.85 -5.16
C LYS B 120 -30.04 -10.11 -4.34
N LYS B 121 -30.05 -11.28 -4.99
CA LYS B 121 -29.81 -12.53 -4.28
C LYS B 121 -28.45 -12.55 -3.60
N ALA B 122 -27.53 -11.67 -4.01
CA ALA B 122 -26.17 -11.64 -3.46
C ALA B 122 -26.01 -10.66 -2.32
N ILE B 123 -26.61 -9.47 -2.38
CA ILE B 123 -26.29 -8.41 -1.44
C ILE B 123 -27.51 -7.70 -0.86
N LEU B 124 -28.72 -8.07 -1.26
CA LEU B 124 -29.94 -7.42 -0.71
C LEU B 124 -30.51 -8.34 0.37
N ILE B 125 -30.32 -7.96 1.63
CA ILE B 125 -30.68 -8.87 2.71
C ILE B 125 -32.19 -9.03 2.84
N THR B 126 -32.97 -8.13 2.27
CA THR B 126 -34.42 -8.28 2.26
C THR B 126 -34.92 -9.08 1.05
N ASP B 127 -34.01 -9.51 0.17
CA ASP B 127 -34.41 -10.34 -0.96
C ASP B 127 -35.06 -11.63 -0.46
N ALA B 128 -36.09 -12.08 -1.17
CA ALA B 128 -36.85 -13.25 -0.71
C ALA B 128 -36.01 -14.52 -0.77
N ALA B 129 -35.25 -14.72 -1.85
CA ALA B 129 -34.47 -15.94 -2.00
C ALA B 129 -33.13 -15.85 -1.28
N LYS B 130 -32.42 -14.74 -1.47
CA LYS B 130 -31.11 -14.44 -0.86
C LYS B 130 -30.20 -15.67 -0.79
N ASP B 131 -30.12 -16.37 -1.93
CA ASP B 131 -29.38 -17.63 -2.00
C ASP B 131 -28.08 -17.53 -2.78
N LYS B 132 -27.59 -16.30 -3.01
CA LYS B 132 -26.30 -16.11 -3.67
C LYS B 132 -25.34 -15.27 -2.83
N GLY B 133 -25.56 -15.21 -1.52
CA GLY B 133 -24.68 -14.47 -0.64
C GLY B 133 -25.41 -13.61 0.37
N ALA B 134 -26.63 -13.19 0.05
CA ALA B 134 -27.33 -12.25 0.90
C ALA B 134 -27.66 -12.85 2.27
N ALA B 135 -27.89 -14.16 2.34
CA ALA B 135 -28.13 -14.79 3.63
C ALA B 135 -26.86 -14.76 4.50
N GLU B 136 -25.70 -14.96 3.89
CA GLU B 136 -24.45 -14.78 4.64
C GLU B 136 -24.24 -13.33 5.05
N LEU B 137 -24.60 -12.40 4.15
CA LEU B 137 -24.51 -10.98 4.49
C LEU B 137 -25.42 -10.66 5.68
N GLU B 138 -26.60 -11.28 5.71
CA GLU B 138 -27.52 -11.05 6.83
C GLU B 138 -26.92 -11.52 8.15
N LYS B 139 -26.24 -12.68 8.14
CA LYS B 139 -25.59 -13.14 9.37
C LYS B 139 -24.45 -12.22 9.75
N LEU B 140 -23.72 -11.70 8.76
CA LEU B 140 -22.64 -10.77 9.06
C LEU B 140 -23.18 -9.50 9.70
N PHE B 141 -24.30 -8.99 9.21
CA PHE B 141 -24.95 -7.85 9.84
C PHE B 141 -25.25 -8.12 11.30
N LYS B 142 -25.85 -9.28 11.60
CA LYS B 142 -26.22 -9.60 12.97
C LYS B 142 -25.00 -9.74 13.87
N ALA B 143 -23.93 -10.39 13.37
CA ALA B 143 -22.74 -10.55 14.17
C ALA B 143 -22.07 -9.22 14.47
N VAL B 144 -22.09 -8.29 13.50
CA VAL B 144 -21.47 -6.99 13.72
C VAL B 144 -22.32 -6.13 14.63
N GLU B 145 -23.65 -6.21 14.49
CA GLU B 145 -24.53 -5.48 15.40
C GLU B 145 -24.35 -5.96 16.84
N ASN B 146 -24.20 -7.27 17.03
CA ASN B 146 -23.96 -7.80 18.36
C ASN B 146 -22.60 -7.35 18.91
N LEU B 147 -21.59 -7.31 18.05
CA LEU B 147 -20.28 -6.82 18.47
C LEU B 147 -20.34 -5.35 18.83
N ALA B 148 -21.09 -4.56 18.06
CA ALA B 148 -21.21 -3.14 18.35
C ALA B 148 -21.92 -2.90 19.68
N LYS B 149 -22.98 -3.65 19.95
CA LYS B 149 -23.71 -3.46 21.20
C LYS B 149 -22.84 -3.75 22.41
N ALA B 150 -22.01 -4.81 22.32
CA ALA B 150 -21.11 -5.13 23.43
C ALA B 150 -20.03 -4.09 23.61
N ALA B 151 -19.51 -3.55 22.50
CA ALA B 151 -18.49 -2.52 22.58
C ALA B 151 -19.06 -1.22 23.14
N LYS B 152 -20.29 -0.89 22.74
CA LYS B 152 -20.94 0.33 23.25
C LYS B 152 -21.25 0.21 24.73
N GLU B 153 -21.50 -1.01 25.22
CA GLU B 153 -21.73 -1.20 26.64
C GLU B 153 -20.45 -1.10 27.44
N MET B 154 -19.32 -1.52 26.86
CA MET B 154 -18.03 -1.39 27.55
C MET B 154 -17.64 0.07 27.71
N LEU B 155 -17.93 0.89 26.70
CA LEU B 155 -17.62 2.32 26.80
C LEU B 155 -18.51 3.01 27.84
N ALA B 156 -19.77 2.59 27.93
CA ALA B 156 -20.67 3.17 28.93
C ALA B 156 -20.26 2.79 30.34
N ASN B 157 -19.73 1.58 30.53
CA ASN B 157 -19.26 1.17 31.85
C ASN B 157 -17.99 1.92 32.25
N SER B 158 -17.13 2.25 31.28
CA SER B 158 -15.92 2.99 31.60
C SER B 158 -16.25 4.43 32.01
N VAL B 159 -17.17 5.07 31.30
CA VAL B 159 -17.53 6.46 31.59
C VAL B 159 -18.41 6.52 32.83
N ASN C 4 32.68 11.24 31.29
CA ASN C 4 33.05 11.84 30.02
C ASN C 4 31.94 11.61 29.00
N LEU C 5 30.70 11.53 29.50
CA LEU C 5 29.59 11.04 28.70
C LEU C 5 29.29 11.91 27.48
N THR C 6 29.73 13.17 27.47
CA THR C 6 29.51 13.99 26.28
C THR C 6 30.40 13.56 25.12
N GLU C 7 31.60 13.05 25.41
CA GLU C 7 32.44 12.55 24.33
C GLU C 7 31.95 11.20 23.82
N ILE C 8 31.39 10.37 24.69
CA ILE C 8 30.93 9.05 24.28
C ILE C 8 29.65 9.15 23.44
N SER C 9 28.70 10.00 23.84
CA SER C 9 27.48 10.16 23.07
C SER C 9 27.77 10.65 21.66
N LYS C 10 28.73 11.56 21.54
CA LYS C 10 29.18 12.00 20.22
C LYS C 10 29.85 10.87 19.46
N LYS C 11 30.58 10.00 20.15
CA LYS C 11 31.27 8.89 19.49
C LYS C 11 30.30 7.84 19.00
N ILE C 12 29.24 7.57 19.76
CA ILE C 12 28.28 6.54 19.36
C ILE C 12 27.55 6.96 18.10
N THR C 13 27.12 8.22 18.03
CA THR C 13 26.35 8.69 16.88
C THR C 13 27.21 8.73 15.61
N GLU C 14 28.47 9.16 15.73
CA GLU C 14 29.32 9.30 14.56
C GLU C 14 29.72 7.94 13.98
N SER C 15 29.93 6.95 14.85
CA SER C 15 30.22 5.61 14.37
C SER C 15 28.97 4.89 13.87
N ASN C 16 27.80 5.24 14.42
CA ASN C 16 26.56 4.66 13.93
C ASN C 16 26.21 5.16 12.53
N ALA C 17 26.63 6.40 12.19
CA ALA C 17 26.41 6.88 10.83
C ALA C 17 27.17 6.04 9.82
N VAL C 18 28.33 5.50 10.21
CA VAL C 18 29.06 4.61 9.32
C VAL C 18 28.32 3.29 9.17
N VAL C 19 27.81 2.74 10.28
CA VAL C 19 27.06 1.48 10.22
C VAL C 19 25.83 1.64 9.33
N LEU C 20 25.12 2.77 9.46
CA LEU C 20 23.96 3.02 8.62
C LEU C 20 24.35 3.12 7.16
N ALA C 21 25.45 3.82 6.87
CA ALA C 21 25.87 3.98 5.48
C ALA C 21 26.31 2.66 4.87
N VAL C 22 26.93 1.78 5.67
CA VAL C 22 27.35 0.48 5.14
C VAL C 22 26.14 -0.43 4.93
N LYS C 23 25.17 -0.39 5.84
CA LYS C 23 23.96 -1.20 5.67
C LYS C 23 23.25 -0.86 4.37
N GLU C 24 23.24 0.43 3.99
CA GLU C 24 22.70 0.84 2.71
C GLU C 24 23.41 0.15 1.56
N ILE C 25 24.74 0.05 1.63
CA ILE C 25 25.50 -0.61 0.58
C ILE C 25 25.21 -2.12 0.58
N GLU C 26 25.13 -2.72 1.77
CA GLU C 26 24.77 -4.13 1.87
C GLU C 26 23.41 -4.41 1.22
N THR C 27 22.44 -3.51 1.45
CA THR C 27 21.09 -3.74 0.95
C THR C 27 21.02 -3.56 -0.56
N LEU C 28 21.80 -2.61 -1.11
CA LEU C 28 21.89 -2.50 -2.57
C LEU C 28 22.46 -3.77 -3.19
N LEU C 29 23.46 -4.37 -2.54
CA LEU C 29 23.99 -5.65 -3.00
C LEU C 29 22.95 -6.75 -2.86
N ALA C 30 22.18 -6.74 -1.79
CA ALA C 30 21.13 -7.74 -1.62
C ALA C 30 20.07 -7.60 -2.70
N SER C 31 19.79 -6.36 -3.14
N SER C 31 19.77 -6.36 -3.11
CA SER C 31 18.82 -6.17 -4.20
CA SER C 31 18.83 -6.15 -4.20
C SER C 31 19.30 -6.79 -5.50
C SER C 31 19.31 -6.83 -5.48
N ILE C 32 20.58 -6.64 -5.83
CA ILE C 32 21.14 -7.30 -7.00
C ILE C 32 21.06 -8.82 -6.85
N ASP C 33 21.36 -9.33 -5.66
CA ASP C 33 21.27 -10.77 -5.45
C ASP C 33 19.83 -11.27 -5.62
N GLU C 34 18.85 -10.46 -5.26
CA GLU C 34 17.46 -10.87 -5.42
C GLU C 34 17.06 -10.87 -6.89
N LEU C 35 17.52 -9.88 -7.66
CA LEU C 35 17.31 -9.90 -9.10
C LEU C 35 17.95 -11.14 -9.72
N ALA C 36 19.14 -11.51 -9.25
CA ALA C 36 19.85 -12.62 -9.87
C ALA C 36 19.16 -13.96 -9.58
N THR C 37 18.75 -14.19 -8.34
CA THR C 37 18.23 -15.50 -7.97
C THR C 37 16.75 -15.68 -8.29
N LYS C 38 16.00 -14.60 -8.47
CA LYS C 38 14.55 -14.72 -8.61
C LYS C 38 14.00 -14.20 -9.93
N ALA C 39 14.61 -13.18 -10.53
CA ALA C 39 13.99 -12.48 -11.65
C ALA C 39 14.52 -12.87 -13.02
N ILE C 40 15.73 -13.44 -13.11
CA ILE C 40 16.31 -13.74 -14.42
C ILE C 40 15.41 -14.72 -15.17
N GLY C 41 15.06 -14.38 -16.39
CA GLY C 41 14.24 -15.25 -17.22
C GLY C 41 12.81 -15.37 -16.76
N LYS C 42 12.27 -14.35 -16.10
CA LYS C 42 10.93 -14.41 -15.51
C LYS C 42 10.07 -13.24 -15.96
N LYS C 43 8.78 -13.35 -15.66
CA LYS C 43 7.80 -12.31 -15.92
C LYS C 43 6.72 -12.42 -14.85
N ILE C 44 6.05 -11.30 -14.57
CA ILE C 44 4.95 -11.30 -13.61
C ILE C 44 3.85 -12.23 -14.10
N GLN C 45 3.31 -13.03 -13.18
CA GLN C 45 2.36 -14.09 -13.49
C GLN C 45 0.97 -13.70 -13.03
N GLN C 46 -0.04 -14.01 -13.84
CA GLN C 46 -1.43 -13.83 -13.43
C GLN C 46 -1.69 -14.54 -12.12
N ASN C 47 -2.37 -13.84 -11.20
CA ASN C 47 -2.73 -14.28 -9.86
C ASN C 47 -1.54 -14.37 -8.91
N GLY C 48 -0.37 -13.90 -9.31
CA GLY C 48 0.75 -13.80 -8.42
C GLY C 48 1.89 -14.73 -8.81
N GLY C 49 3.07 -14.43 -8.27
CA GLY C 49 4.26 -15.20 -8.57
C GLY C 49 4.88 -14.78 -9.89
N LEU C 50 5.92 -15.53 -10.27
CA LEU C 50 6.66 -15.27 -11.49
C LEU C 50 6.55 -16.48 -12.41
N ALA C 51 6.41 -16.21 -13.71
CA ALA C 51 6.35 -17.25 -14.72
C ALA C 51 7.62 -17.24 -15.56
N VAL C 52 7.91 -18.38 -16.17
CA VAL C 52 9.09 -18.51 -17.01
C VAL C 52 8.88 -17.72 -18.30
N GLU C 53 9.90 -16.94 -18.68
CA GLU C 53 9.92 -16.21 -19.93
C GLU C 53 11.40 -16.04 -20.28
N ALA C 54 11.94 -17.01 -21.03
CA ALA C 54 13.38 -17.13 -21.16
C ALA C 54 13.97 -15.96 -21.94
N GLY C 55 15.15 -15.52 -21.53
CA GLY C 55 15.88 -14.52 -22.26
C GLY C 55 15.34 -13.13 -21.99
N HIS C 56 15.78 -12.21 -22.83
CA HIS C 56 15.36 -10.81 -22.77
C HIS C 56 15.65 -10.21 -21.40
N ASN C 57 16.87 -10.45 -20.90
CA ASN C 57 17.30 -9.93 -19.61
C ASN C 57 18.04 -8.61 -19.75
N GLY C 58 17.95 -7.93 -20.89
CA GLY C 58 18.74 -6.74 -21.11
C GLY C 58 18.43 -5.62 -20.13
N THR C 59 17.14 -5.29 -19.99
CA THR C 59 16.77 -4.20 -19.07
C THR C 59 17.06 -4.57 -17.63
N LEU C 60 16.98 -5.85 -17.28
CA LEU C 60 17.30 -6.27 -15.92
C LEU C 60 18.77 -6.03 -15.60
N LEU C 61 19.65 -6.34 -16.55
CA LEU C 61 21.08 -6.09 -16.36
C LEU C 61 21.39 -4.60 -16.37
N ALA C 62 20.68 -3.80 -17.16
CA ALA C 62 20.83 -2.36 -17.06
C ALA C 62 20.46 -1.88 -15.66
N GLY C 63 19.49 -2.55 -15.03
CA GLY C 63 19.16 -2.22 -13.66
C GLY C 63 20.25 -2.61 -12.68
N ALA C 64 20.84 -3.81 -12.88
CA ALA C 64 21.96 -4.21 -12.04
C ALA C 64 23.16 -3.30 -12.25
N TYR C 65 23.43 -2.91 -13.50
CA TYR C 65 24.49 -1.96 -13.79
C TYR C 65 24.27 -0.63 -13.05
N THR C 66 23.03 -0.13 -13.06
CA THR C 66 22.74 1.14 -12.41
C THR C 66 22.94 1.04 -10.90
N ILE C 67 22.54 -0.07 -10.30
CA ILE C 67 22.72 -0.25 -8.86
C ILE C 67 24.20 -0.39 -8.51
N SER C 68 24.98 -1.03 -9.38
CA SER C 68 26.43 -1.12 -9.13
C SER C 68 27.06 0.26 -9.06
N LYS C 69 26.60 1.20 -9.89
CA LYS C 69 27.14 2.55 -9.88
C LYS C 69 26.71 3.33 -8.64
N LEU C 70 25.51 3.06 -8.13
CA LEU C 70 25.08 3.68 -6.88
C LEU C 70 25.93 3.18 -5.71
N ILE C 71 26.34 1.91 -5.74
CA ILE C 71 27.19 1.37 -4.68
C ILE C 71 28.53 2.08 -4.65
N THR C 72 29.13 2.32 -5.82
CA THR C 72 30.39 3.07 -5.88
C THR C 72 30.19 4.49 -5.35
N GLN C 73 29.07 5.12 -5.69
CA GLN C 73 28.77 6.45 -5.17
C GLN C 73 28.70 6.44 -3.64
N LYS C 74 28.02 5.45 -3.07
CA LYS C 74 27.87 5.41 -1.62
C LYS C 74 29.21 5.17 -0.94
N LEU C 75 30.05 4.31 -1.52
CA LEU C 75 31.38 4.09 -0.96
C LEU C 75 32.22 5.36 -0.99
N ASP C 76 32.02 6.21 -2.00
CA ASP C 76 32.72 7.49 -2.07
C ASP C 76 32.29 8.44 -0.96
N GLY C 77 31.03 8.37 -0.54
CA GLY C 77 30.55 9.21 0.54
C GLY C 77 31.05 8.85 1.92
N LEU C 78 31.81 7.76 2.04
CA LEU C 78 32.34 7.34 3.33
C LEU C 78 33.63 8.08 3.66
N GLU C 82 41.55 7.23 9.18
CA GLU C 82 40.73 6.44 10.10
C GLU C 82 41.10 4.97 10.07
N LYS C 83 40.29 4.18 10.76
CA LYS C 83 40.52 2.74 10.87
C LYS C 83 40.08 2.00 9.60
N LEU C 84 39.00 2.43 8.97
CA LEU C 84 38.37 1.69 7.88
C LEU C 84 38.84 2.11 6.49
N LYS C 85 39.89 2.94 6.39
CA LYS C 85 40.26 3.49 5.08
C LYS C 85 40.64 2.40 4.09
N GLU C 86 41.44 1.42 4.54
CA GLU C 86 41.90 0.38 3.61
C GLU C 86 40.75 -0.55 3.22
N LYS C 87 39.88 -0.89 4.17
CA LYS C 87 38.73 -1.73 3.84
C LYS C 87 37.76 -1.00 2.92
N ILE C 88 37.64 0.32 3.07
CA ILE C 88 36.80 1.09 2.16
C ILE C 88 37.41 1.11 0.76
N GLU C 89 38.72 1.31 0.67
CA GLU C 89 39.38 1.35 -0.64
C GLU C 89 39.30 -0.01 -1.34
N ASN C 90 39.34 -1.11 -0.57
CA ASN C 90 39.20 -2.44 -1.16
C ASN C 90 37.80 -2.64 -1.72
N ALA C 91 36.78 -2.19 -1.00
CA ALA C 91 35.41 -2.30 -1.50
C ALA C 91 35.19 -1.41 -2.72
N LYS C 92 35.80 -0.21 -2.73
CA LYS C 92 35.66 0.69 -3.88
C LYS C 92 36.26 0.07 -5.13
N LYS C 93 37.44 -0.55 -5.01
CA LYS C 93 38.06 -1.20 -6.15
C LYS C 93 37.20 -2.36 -6.66
N CYS C 94 36.64 -3.14 -5.74
CA CYS C 94 35.78 -4.25 -6.13
C CYS C 94 34.50 -3.77 -6.79
N SER C 95 33.94 -2.65 -6.32
CA SER C 95 32.72 -2.15 -6.95
C SER C 95 33.01 -1.64 -8.36
N GLU C 96 34.16 -0.97 -8.55
CA GLU C 96 34.53 -0.50 -9.87
C GLU C 96 34.86 -1.65 -10.80
N ASP C 97 35.53 -2.69 -10.28
CA ASP C 97 35.83 -3.87 -11.09
C ASP C 97 34.55 -4.53 -11.59
N PHE C 98 33.54 -4.61 -10.73
CA PHE C 98 32.27 -5.21 -11.12
C PHE C 98 31.60 -4.40 -12.23
N THR C 99 31.49 -3.08 -12.03
CA THR C 99 30.89 -2.23 -13.05
C THR C 99 31.64 -2.33 -14.37
N LYS C 100 32.97 -2.28 -14.32
CA LYS C 100 33.79 -2.32 -15.53
C LYS C 100 33.67 -3.66 -16.24
N LYS C 101 33.52 -4.76 -15.49
CA LYS C 101 33.38 -6.06 -16.13
C LYS C 101 32.07 -6.15 -16.90
N LEU C 102 30.97 -5.67 -16.32
CA LEU C 102 29.71 -5.62 -17.05
C LEU C 102 29.85 -4.83 -18.34
N GLU C 103 30.53 -3.68 -18.29
CA GLU C 103 30.73 -2.88 -19.49
C GLU C 103 31.52 -3.62 -20.55
N GLY C 104 32.58 -4.32 -20.14
CA GLY C 104 33.40 -5.05 -21.08
C GLY C 104 32.68 -6.18 -21.78
N GLU C 105 31.60 -6.69 -21.19
CA GLU C 105 30.80 -7.77 -21.76
C GLU C 105 29.59 -7.24 -22.52
N HIS C 106 29.67 -6.02 -23.04
CA HIS C 106 28.52 -5.39 -23.67
C HIS C 106 27.99 -6.20 -24.84
N ALA C 107 28.85 -6.95 -25.54
CA ALA C 107 28.40 -7.73 -26.68
C ALA C 107 27.35 -8.75 -26.28
N GLN C 108 27.45 -9.29 -25.06
CA GLN C 108 26.47 -10.25 -24.57
C GLN C 108 25.50 -9.67 -23.57
N LEU C 109 25.88 -8.65 -22.81
CA LEU C 109 25.02 -8.11 -21.77
C LEU C 109 24.32 -6.82 -22.18
N GLY C 110 24.83 -6.13 -23.20
CA GLY C 110 24.26 -4.85 -23.60
C GLY C 110 23.37 -5.00 -24.82
N ILE C 111 22.45 -5.96 -24.76
CA ILE C 111 21.47 -6.16 -25.82
C ILE C 111 20.10 -6.34 -25.18
N GLU C 112 19.08 -6.32 -26.02
CA GLU C 112 17.73 -6.56 -25.53
C GLU C 112 17.58 -8.01 -25.07
N ASN C 113 18.08 -8.94 -25.87
CA ASN C 113 17.80 -10.36 -25.68
C ASN C 113 18.97 -11.07 -25.01
N VAL C 114 19.33 -10.58 -23.82
CA VAL C 114 20.36 -11.22 -23.01
C VAL C 114 19.86 -12.59 -22.57
N THR C 115 20.62 -13.63 -22.88
CA THR C 115 20.19 -14.98 -22.51
C THR C 115 20.24 -15.17 -21.00
N ASP C 116 19.44 -16.12 -20.50
CA ASP C 116 19.47 -16.45 -19.08
C ASP C 116 20.87 -16.88 -18.64
N GLU C 117 21.57 -17.65 -19.47
CA GLU C 117 22.91 -18.10 -19.12
C GLU C 117 23.86 -16.92 -18.92
N ASN C 118 23.86 -15.99 -19.87
CA ASN C 118 24.79 -14.87 -19.76
C ASN C 118 24.43 -13.94 -18.62
N ALA C 119 23.13 -13.74 -18.36
CA ALA C 119 22.72 -12.92 -17.23
C ALA C 119 23.21 -13.50 -15.92
N LYS C 120 23.13 -14.83 -15.78
CA LYS C 120 23.63 -15.48 -14.57
C LYS C 120 25.15 -15.38 -14.48
N LYS C 121 25.85 -15.51 -15.61
CA LYS C 121 27.29 -15.34 -15.60
C LYS C 121 27.70 -13.94 -15.13
N ALA C 122 26.78 -12.98 -15.19
CA ALA C 122 27.06 -11.59 -14.84
C ALA C 122 26.72 -11.26 -13.39
N ILE C 123 25.61 -11.78 -12.85
CA ILE C 123 25.13 -11.33 -11.54
C ILE C 123 24.74 -12.47 -10.61
N LEU C 124 24.83 -13.73 -11.02
CA LEU C 124 24.43 -14.85 -10.17
C LEU C 124 25.70 -15.44 -9.55
N ILE C 125 25.93 -15.17 -8.26
CA ILE C 125 27.22 -15.53 -7.65
C ILE C 125 27.39 -17.04 -7.49
N THR C 126 26.30 -17.81 -7.53
CA THR C 126 26.40 -19.27 -7.50
C THR C 126 26.54 -19.89 -8.88
N ASP C 127 26.56 -19.08 -9.94
CA ASP C 127 26.76 -19.59 -11.29
C ASP C 127 28.09 -20.33 -11.38
N ALA C 128 28.11 -21.42 -12.15
CA ALA C 128 29.33 -22.23 -12.22
C ALA C 128 30.46 -21.48 -12.92
N ALA C 129 30.15 -20.79 -14.02
CA ALA C 129 31.19 -20.13 -14.82
C ALA C 129 31.61 -18.79 -14.25
N LYS C 130 30.64 -17.94 -13.89
N LYS C 130 30.64 -17.94 -13.88
CA LYS C 130 30.89 -16.67 -13.23
CA LYS C 130 30.93 -16.66 -13.21
C LYS C 130 31.80 -15.74 -14.05
C LYS C 130 31.79 -15.73 -14.05
N ASP C 131 31.80 -15.88 -15.37
CA ASP C 131 32.81 -15.22 -16.21
C ASP C 131 32.32 -13.97 -16.92
N LYS C 132 31.16 -13.40 -16.55
CA LYS C 132 30.72 -12.15 -17.14
C LYS C 132 30.43 -11.07 -16.10
N GLY C 133 31.00 -11.20 -14.89
CA GLY C 133 30.82 -10.21 -13.86
C GLY C 133 30.55 -10.82 -12.49
N ALA C 134 30.00 -12.04 -12.48
CA ALA C 134 29.58 -12.63 -11.21
C ALA C 134 30.75 -12.90 -10.28
N ALA C 135 31.93 -13.23 -10.82
CA ALA C 135 33.09 -13.41 -9.95
C ALA C 135 33.51 -12.10 -9.31
N GLU C 136 33.44 -10.99 -10.05
CA GLU C 136 33.68 -9.68 -9.45
C GLU C 136 32.61 -9.32 -8.42
N LEU C 137 31.36 -9.65 -8.70
CA LEU C 137 30.29 -9.40 -7.73
C LEU C 137 30.52 -10.18 -6.44
N GLU C 138 30.96 -11.43 -6.56
CA GLU C 138 31.24 -12.23 -5.36
C GLU C 138 32.35 -11.59 -4.53
N LYS C 139 33.38 -11.04 -5.18
CA LYS C 139 34.44 -10.36 -4.44
C LYS C 139 33.92 -9.09 -3.77
N LEU C 140 33.00 -8.39 -4.45
CA LEU C 140 32.40 -7.19 -3.86
C LEU C 140 31.59 -7.53 -2.62
N PHE C 141 30.84 -8.63 -2.66
CA PHE C 141 30.10 -9.08 -1.48
C PHE C 141 31.03 -9.28 -0.29
N LYS C 142 32.16 -9.97 -0.51
CA LYS C 142 33.09 -10.24 0.57
C LYS C 142 33.75 -8.96 1.08
N ALA C 143 34.10 -8.03 0.16
CA ALA C 143 34.72 -6.79 0.57
C ALA C 143 33.77 -5.94 1.41
N VAL C 144 32.49 -5.92 1.04
CA VAL C 144 31.52 -5.14 1.80
C VAL C 144 31.20 -5.83 3.13
N GLU C 145 31.13 -7.17 3.12
CA GLU C 145 30.91 -7.90 4.37
C GLU C 145 32.04 -7.66 5.36
N ASN C 146 33.29 -7.64 4.87
CA ASN C 146 34.42 -7.37 5.74
C ASN C 146 34.39 -5.94 6.24
N LEU C 147 33.95 -5.00 5.40
CA LEU C 147 33.80 -3.61 5.84
C LEU C 147 32.69 -3.49 6.88
N ALA C 148 31.59 -4.21 6.70
CA ALA C 148 30.48 -4.16 7.65
C ALA C 148 30.87 -4.71 9.01
N LYS C 149 31.59 -5.84 9.04
CA LYS C 149 31.96 -6.42 10.33
C LYS C 149 32.86 -5.47 11.11
N ALA C 150 33.79 -4.81 10.43
CA ALA C 150 34.68 -3.87 11.12
C ALA C 150 33.92 -2.65 11.60
N ALA C 151 32.95 -2.18 10.82
CA ALA C 151 32.17 -1.01 11.21
C ALA C 151 31.30 -1.31 12.44
N LYS C 152 30.68 -2.49 12.48
CA LYS C 152 29.88 -2.85 13.64
C LYS C 152 30.75 -3.11 14.87
N GLU C 153 32.00 -3.51 14.68
CA GLU C 153 32.90 -3.66 15.82
C GLU C 153 33.33 -2.32 16.37
N MET C 154 33.49 -1.31 15.52
CA MET C 154 33.81 0.03 15.98
C MET C 154 32.66 0.63 16.77
N LEU C 155 31.42 0.35 16.34
CA LEU C 155 30.25 0.84 17.08
C LEU C 155 30.14 0.15 18.43
N ALA C 156 30.56 -1.12 18.52
CA ALA C 156 30.55 -1.82 19.79
C ALA C 156 31.57 -1.23 20.76
N ASN C 157 32.69 -0.73 20.24
CA ASN C 157 33.68 -0.09 21.10
C ASN C 157 33.19 1.26 21.61
N SER C 158 32.42 1.99 20.80
CA SER C 158 31.87 3.26 21.25
C SER C 158 30.82 3.06 22.34
N VAL C 159 29.95 2.08 22.17
CA VAL C 159 28.90 1.83 23.16
C VAL C 159 29.45 1.17 24.41
N LYS C 160 30.69 0.68 24.35
CA LYS C 160 31.33 0.05 25.51
C LYS C 160 31.74 1.10 26.53
N GLU C 161 30.85 2.05 26.82
CA GLU C 161 31.08 3.06 27.85
C GLU C 161 30.84 2.52 29.26
N LEU C 162 30.14 1.39 29.40
CA LEU C 162 29.82 0.88 30.72
C LEU C 162 31.07 0.50 31.51
N THR C 163 32.19 0.27 30.84
CA THR C 163 33.42 -0.16 31.50
C THR C 163 34.58 0.75 31.13
N LEU D 5 23.44 4.15 33.26
CA LEU D 5 24.17 4.15 32.00
C LEU D 5 24.02 2.80 31.29
N THR D 6 23.84 1.73 32.07
CA THR D 6 23.64 0.42 31.45
C THR D 6 22.26 0.31 30.81
N GLU D 7 21.26 1.00 31.36
CA GLU D 7 19.95 1.02 30.72
C GLU D 7 19.93 1.92 29.49
N ILE D 8 20.77 2.95 29.48
CA ILE D 8 20.82 3.83 28.32
C ILE D 8 21.46 3.10 27.14
N SER D 9 22.53 2.34 27.40
CA SER D 9 23.13 1.52 26.36
C SER D 9 22.13 0.50 25.84
N LYS D 10 21.27 -0.01 26.73
CA LYS D 10 20.20 -0.88 26.32
C LYS D 10 19.22 -0.16 25.41
N LYS D 11 18.96 1.12 25.69
CA LYS D 11 18.06 1.90 24.85
C LYS D 11 18.70 2.27 23.52
N ILE D 12 19.99 2.60 23.52
CA ILE D 12 20.65 3.01 22.29
C ILE D 12 20.74 1.86 21.30
N THR D 13 21.13 0.68 21.77
CA THR D 13 21.32 -0.45 20.86
C THR D 13 19.99 -0.91 20.27
N GLU D 14 18.94 -0.97 21.08
CA GLU D 14 17.66 -1.47 20.58
C GLU D 14 17.00 -0.47 19.64
N SER D 15 17.17 0.83 19.91
CA SER D 15 16.62 1.83 18.99
C SER D 15 17.45 1.97 17.73
N ASN D 16 18.76 1.72 17.83
CA ASN D 16 19.59 1.69 16.62
C ASN D 16 19.30 0.46 15.77
N ALA D 17 18.89 -0.64 16.40
CA ALA D 17 18.49 -1.81 15.64
C ALA D 17 17.25 -1.54 14.79
N VAL D 18 16.34 -0.68 15.28
CA VAL D 18 15.17 -0.32 14.50
C VAL D 18 15.57 0.56 13.31
N VAL D 19 16.45 1.52 13.53
CA VAL D 19 16.88 2.42 12.44
C VAL D 19 17.54 1.62 11.33
N LEU D 20 18.38 0.64 11.69
CA LEU D 20 19.05 -0.17 10.67
C LEU D 20 18.05 -0.98 9.85
N ALA D 21 17.07 -1.60 10.53
CA ALA D 21 16.10 -2.41 9.81
C ALA D 21 15.21 -1.57 8.90
N VAL D 22 14.90 -0.33 9.32
CA VAL D 22 14.11 0.56 8.47
C VAL D 22 14.95 1.08 7.32
N LYS D 23 16.23 1.36 7.57
CA LYS D 23 17.12 1.80 6.50
C LYS D 23 17.22 0.74 5.40
N GLU D 24 17.21 -0.53 5.80
CA GLU D 24 17.16 -1.63 4.83
C GLU D 24 15.93 -1.52 3.93
N ILE D 25 14.77 -1.23 4.52
CA ILE D 25 13.55 -1.12 3.73
C ILE D 25 13.59 0.12 2.84
N GLU D 26 14.11 1.24 3.37
CA GLU D 26 14.29 2.43 2.56
C GLU D 26 15.17 2.14 1.35
N THR D 27 16.24 1.37 1.55
CA THR D 27 17.18 1.11 0.46
C THR D 27 16.57 0.19 -0.58
N LEU D 28 15.76 -0.78 -0.16
CA LEU D 28 15.06 -1.61 -1.13
C LEU D 28 14.13 -0.76 -1.99
N LEU D 29 13.50 0.27 -1.40
CA LEU D 29 12.70 1.20 -2.17
C LEU D 29 13.56 2.02 -3.11
N ALA D 30 14.75 2.43 -2.65
CA ALA D 30 15.65 3.20 -3.49
C ALA D 30 16.11 2.38 -4.70
N SER D 31 16.27 1.06 -4.54
N SER D 31 16.28 1.07 -4.54
CA SER D 31 16.66 0.23 -5.68
CA SER D 31 16.65 0.22 -5.66
C SER D 31 15.56 0.19 -6.73
C SER D 31 15.56 0.21 -6.73
N ILE D 32 14.30 0.14 -6.29
CA ILE D 32 13.18 0.18 -7.23
C ILE D 32 13.11 1.53 -7.93
N ASP D 33 13.30 2.62 -7.18
CA ASP D 33 13.31 3.94 -7.80
C ASP D 33 14.47 4.07 -8.79
N GLU D 34 15.58 3.38 -8.50
CA GLU D 34 16.73 3.44 -9.41
C GLU D 34 16.45 2.65 -10.68
N LEU D 35 15.79 1.49 -10.57
CA LEU D 35 15.34 0.77 -11.75
C LEU D 35 14.38 1.62 -12.58
N ALA D 36 13.47 2.33 -11.91
CA ALA D 36 12.44 3.08 -12.61
C ALA D 36 13.03 4.28 -13.35
N THR D 37 13.93 5.01 -12.69
CA THR D 37 14.44 6.26 -13.24
C THR D 37 15.58 6.07 -14.23
N LYS D 38 16.29 4.95 -14.18
CA LYS D 38 17.50 4.77 -14.98
C LYS D 38 17.47 3.60 -15.94
N ALA D 39 16.78 2.51 -15.60
CA ALA D 39 16.92 1.26 -16.33
C ALA D 39 15.81 0.99 -17.33
N ILE D 40 14.63 1.62 -17.18
CA ILE D 40 13.52 1.31 -18.08
C ILE D 40 13.92 1.66 -19.50
N GLY D 41 13.81 0.71 -20.41
CA GLY D 41 14.10 0.97 -21.81
C GLY D 41 15.56 1.23 -22.12
N LYS D 42 16.48 0.66 -21.34
CA LYS D 42 17.91 0.94 -21.48
C LYS D 42 18.68 -0.36 -21.61
N LYS D 43 19.95 -0.25 -22.01
CA LYS D 43 20.82 -1.40 -22.11
C LYS D 43 22.25 -0.96 -21.82
N ILE D 44 23.06 -1.91 -21.36
CA ILE D 44 24.47 -1.63 -21.10
C ILE D 44 25.17 -1.22 -22.38
N GLN D 45 25.99 -0.19 -22.28
CA GLN D 45 26.63 0.43 -23.43
C GLN D 45 28.13 0.16 -23.41
N GLN D 46 28.70 -0.09 -24.58
CA GLN D 46 30.15 -0.18 -24.71
C GLN D 46 30.79 1.10 -24.19
N ASN D 47 31.87 0.93 -23.43
CA ASN D 47 32.65 2.02 -22.82
C ASN D 47 31.91 2.70 -21.67
N GLY D 48 30.76 2.21 -21.26
CA GLY D 48 30.11 2.70 -20.07
C GLY D 48 28.81 3.42 -20.37
N GLY D 49 28.00 3.55 -19.32
CA GLY D 49 26.71 4.19 -19.42
C GLY D 49 25.64 3.25 -19.96
N LEU D 50 24.46 3.82 -20.15
CA LEU D 50 23.31 3.09 -20.66
C LEU D 50 22.86 3.71 -21.98
N ALA D 51 22.47 2.87 -22.92
CA ALA D 51 21.96 3.29 -24.21
C ALA D 51 20.47 2.99 -24.33
N VAL D 52 19.80 3.73 -25.22
CA VAL D 52 18.36 3.57 -25.41
C VAL D 52 18.08 2.22 -26.08
N GLU D 53 17.09 1.50 -25.55
CA GLU D 53 16.63 0.23 -26.13
C GLU D 53 15.18 0.05 -25.71
N ALA D 54 14.25 0.47 -26.58
CA ALA D 54 12.85 0.59 -26.20
C ALA D 54 12.22 -0.79 -25.97
N GLY D 55 11.32 -0.86 -24.99
CA GLY D 55 10.53 -2.05 -24.76
C GLY D 55 11.30 -3.13 -24.02
N HIS D 56 10.66 -4.31 -23.93
CA HIS D 56 11.26 -5.50 -23.34
C HIS D 56 11.63 -5.28 -21.87
N ASN D 57 10.71 -4.66 -21.13
CA ASN D 57 10.89 -4.37 -19.71
C ASN D 57 10.28 -5.44 -18.82
N GLY D 58 9.93 -6.60 -19.38
CA GLY D 58 9.23 -7.61 -18.62
C GLY D 58 10.04 -8.18 -17.47
N THR D 59 11.31 -8.53 -17.75
N THR D 59 11.31 -8.52 -17.74
CA THR D 59 12.17 -9.06 -16.69
CA THR D 59 12.15 -9.06 -16.68
C THR D 59 12.51 -7.99 -15.66
C THR D 59 12.52 -7.99 -15.65
N LEU D 60 12.66 -6.74 -16.09
CA LEU D 60 12.90 -5.65 -15.16
C LEU D 60 11.74 -5.49 -14.19
N LEU D 61 10.51 -5.60 -14.70
CA LEU D 61 9.34 -5.54 -13.81
C LEU D 61 9.23 -6.77 -12.92
N ALA D 62 9.66 -7.94 -13.40
CA ALA D 62 9.74 -9.09 -12.52
C ALA D 62 10.70 -8.84 -11.37
N GLY D 63 11.79 -8.10 -11.64
CA GLY D 63 12.70 -7.75 -10.57
C GLY D 63 12.13 -6.77 -9.58
N ALA D 64 11.40 -5.77 -10.05
CA ALA D 64 10.73 -4.84 -9.14
C ALA D 64 9.66 -5.55 -8.33
N TYR D 65 8.93 -6.47 -8.95
CA TYR D 65 7.97 -7.31 -8.24
C TYR D 65 8.64 -8.10 -7.13
N THR D 66 9.81 -8.68 -7.40
CA THR D 66 10.50 -9.48 -6.39
C THR D 66 10.95 -8.62 -5.23
N ILE D 67 11.44 -7.41 -5.50
CA ILE D 67 11.87 -6.52 -4.43
C ILE D 67 10.68 -6.04 -3.59
N SER D 68 9.54 -5.79 -4.24
CA SER D 68 8.35 -5.40 -3.49
C SER D 68 7.95 -6.47 -2.48
N LYS D 69 8.13 -7.75 -2.84
CA LYS D 69 7.81 -8.82 -1.91
C LYS D 69 8.83 -8.93 -0.78
N LEU D 70 10.10 -8.61 -1.07
CA LEU D 70 11.12 -8.56 -0.03
C LEU D 70 10.84 -7.43 0.95
N ILE D 71 10.28 -6.31 0.46
CA ILE D 71 9.93 -5.20 1.36
C ILE D 71 8.87 -5.63 2.35
N THR D 72 7.85 -6.37 1.89
CA THR D 72 6.81 -6.85 2.79
C THR D 72 7.38 -7.80 3.84
N GLN D 73 8.29 -8.69 3.43
CA GLN D 73 8.91 -9.61 4.39
C GLN D 73 9.67 -8.85 5.47
N LYS D 74 10.43 -7.82 5.08
CA LYS D 74 11.21 -7.06 6.05
C LYS D 74 10.31 -6.32 7.02
N LEU D 75 9.21 -5.74 6.52
CA LEU D 75 8.26 -5.08 7.41
C LEU D 75 7.64 -6.06 8.39
N ASP D 76 7.49 -7.32 7.99
CA ASP D 76 6.99 -8.35 8.90
C ASP D 76 7.97 -8.62 10.04
N GLY D 77 9.27 -8.53 9.76
CA GLY D 77 10.28 -8.76 10.78
C GLY D 77 10.40 -7.67 11.82
N LEU D 78 9.67 -6.57 11.67
CA LEU D 78 9.72 -5.48 12.63
C LEU D 78 8.77 -5.76 13.78
N GLU D 82 7.02 -0.95 20.35
CA GLU D 82 5.56 -0.97 20.40
C GLU D 82 4.98 0.39 20.00
N LYS D 83 5.86 1.39 19.92
CA LYS D 83 5.43 2.74 19.55
C LYS D 83 5.15 2.85 18.06
N LEU D 84 5.94 2.17 17.23
CA LEU D 84 5.87 2.32 15.79
C LEU D 84 4.91 1.34 15.14
N LYS D 85 4.10 0.65 15.95
CA LYS D 85 3.24 -0.42 15.44
C LYS D 85 2.28 0.11 14.38
N GLU D 86 1.68 1.28 14.62
CA GLU D 86 0.70 1.80 13.68
C GLU D 86 1.38 2.25 12.39
N LYS D 87 2.55 2.88 12.50
CA LYS D 87 3.28 3.27 11.31
C LYS D 87 3.81 2.05 10.55
N ILE D 88 4.16 0.99 11.27
CA ILE D 88 4.62 -0.24 10.62
C ILE D 88 3.48 -0.90 9.85
N GLU D 89 2.31 -1.01 10.49
CA GLU D 89 1.19 -1.68 9.84
C GLU D 89 0.70 -0.92 8.62
N ASN D 90 0.79 0.42 8.65
CA ASN D 90 0.43 1.20 7.47
C ASN D 90 1.40 0.95 6.33
N ALA D 91 2.69 0.87 6.64
CA ALA D 91 3.68 0.58 5.60
C ALA D 91 3.49 -0.82 5.02
N LYS D 92 3.15 -1.79 5.87
CA LYS D 92 2.95 -3.16 5.40
C LYS D 92 1.76 -3.25 4.45
N LYS D 93 0.64 -2.62 4.80
CA LYS D 93 -0.53 -2.65 3.93
C LYS D 93 -0.26 -1.94 2.61
N CYS D 94 0.45 -0.80 2.66
CA CYS D 94 0.82 -0.12 1.42
C CYS D 94 1.72 -1.00 0.56
N SER D 95 2.60 -1.77 1.19
CA SER D 95 3.49 -2.64 0.41
C SER D 95 2.72 -3.77 -0.24
N GLU D 96 1.72 -4.33 0.47
CA GLU D 96 0.89 -5.37 -0.12
C GLU D 96 0.03 -4.82 -1.25
N ASP D 97 -0.49 -3.59 -1.08
CA ASP D 97 -1.28 -2.97 -2.13
C ASP D 97 -0.46 -2.82 -3.40
N PHE D 98 0.80 -2.41 -3.27
CA PHE D 98 1.65 -2.24 -4.44
C PHE D 98 1.87 -3.57 -5.15
N THR D 99 2.23 -4.61 -4.40
CA THR D 99 2.44 -5.92 -5.00
C THR D 99 1.19 -6.40 -5.71
N LYS D 100 0.03 -6.27 -5.07
CA LYS D 100 -1.21 -6.76 -5.68
C LYS D 100 -1.56 -5.98 -6.95
N LYS D 101 -1.24 -4.68 -6.99
CA LYS D 101 -1.54 -3.89 -8.18
C LYS D 101 -0.73 -4.36 -9.38
N LEU D 102 0.56 -4.65 -9.17
CA LEU D 102 1.38 -5.21 -10.24
C LEU D 102 0.79 -6.50 -10.79
N GLU D 103 0.35 -7.40 -9.90
CA GLU D 103 -0.23 -8.66 -10.34
C GLU D 103 -1.49 -8.44 -11.15
N GLY D 104 -2.34 -7.50 -10.72
CA GLY D 104 -3.57 -7.24 -11.44
C GLY D 104 -3.35 -6.69 -12.84
N GLU D 105 -2.20 -6.05 -13.08
CA GLU D 105 -1.89 -5.49 -14.39
C GLU D 105 -1.04 -6.44 -15.23
N HIS D 106 -1.15 -7.75 -14.97
CA HIS D 106 -0.29 -8.72 -15.64
C HIS D 106 -0.46 -8.69 -17.15
N ALA D 107 -1.65 -8.31 -17.63
CA ALA D 107 -1.88 -8.30 -19.07
C ALA D 107 -0.89 -7.39 -19.79
N GLN D 108 -0.53 -6.26 -19.18
CA GLN D 108 0.44 -5.35 -19.75
C GLN D 108 1.81 -5.45 -19.10
N LEU D 109 1.88 -5.88 -17.84
CA LEU D 109 3.17 -5.94 -17.14
C LEU D 109 3.77 -7.33 -17.11
N GLY D 110 2.96 -8.36 -17.28
CA GLY D 110 3.43 -9.73 -17.19
C GLY D 110 3.64 -10.35 -18.56
N ILE D 111 4.36 -9.63 -19.42
CA ILE D 111 4.76 -10.10 -20.73
C ILE D 111 6.24 -9.78 -20.89
N GLU D 112 6.84 -10.34 -21.94
CA GLU D 112 8.24 -10.07 -22.20
C GLU D 112 8.44 -8.62 -22.66
N ASN D 113 7.63 -8.18 -23.61
CA ASN D 113 7.84 -6.88 -24.26
C ASN D 113 6.97 -5.80 -23.62
N VAL D 114 7.24 -5.54 -22.34
CA VAL D 114 6.57 -4.47 -21.62
C VAL D 114 7.06 -3.13 -22.17
N THR D 115 6.12 -2.29 -22.59
CA THR D 115 6.52 -1.00 -23.16
C THR D 115 7.13 -0.11 -22.08
N ASP D 116 7.95 0.85 -22.52
CA ASP D 116 8.49 1.83 -21.59
C ASP D 116 7.37 2.57 -20.87
N GLU D 117 6.31 2.93 -21.60
CA GLU D 117 5.20 3.69 -21.02
C GLU D 117 4.52 2.92 -19.90
N ASN D 118 4.23 1.63 -20.12
CA ASN D 118 3.54 0.84 -19.10
C ASN D 118 4.44 0.54 -17.91
N ALA D 119 5.74 0.34 -18.15
CA ALA D 119 6.68 0.13 -17.05
C ALA D 119 6.76 1.36 -16.16
N LYS D 120 6.75 2.56 -16.74
CA LYS D 120 6.74 3.77 -15.94
C LYS D 120 5.44 3.94 -15.17
N LYS D 121 4.31 3.60 -15.79
CA LYS D 121 3.03 3.64 -15.08
C LYS D 121 3.01 2.73 -13.86
N ALA D 122 3.92 1.76 -13.81
CA ALA D 122 3.96 0.76 -12.75
C ALA D 122 4.91 1.11 -11.62
N ILE D 123 6.09 1.68 -11.91
CA ILE D 123 7.12 1.83 -10.89
C ILE D 123 7.78 3.22 -10.89
N LEU D 124 7.40 4.11 -11.79
CA LEU D 124 7.96 5.47 -11.82
C LEU D 124 6.99 6.42 -11.14
N ILE D 125 7.29 6.83 -9.90
CA ILE D 125 6.31 7.59 -9.14
C ILE D 125 6.11 9.00 -9.70
N THR D 126 7.04 9.51 -10.50
CA THR D 126 6.86 10.80 -11.15
C THR D 126 6.13 10.68 -12.47
N ASP D 127 5.76 9.48 -12.89
CA ASP D 127 4.98 9.31 -14.12
C ASP D 127 3.66 10.06 -14.00
N ALA D 128 3.23 10.65 -15.11
CA ALA D 128 2.03 11.48 -15.08
C ALA D 128 0.78 10.65 -14.80
N ALA D 129 0.65 9.50 -15.46
CA ALA D 129 -0.55 8.68 -15.30
C ALA D 129 -0.44 7.78 -14.06
N LYS D 130 0.70 7.11 -13.91
CA LYS D 130 1.02 6.24 -12.78
C LYS D 130 -0.17 5.39 -12.32
N ASP D 131 -0.80 4.70 -13.27
CA ASP D 131 -2.03 3.96 -13.01
C ASP D 131 -1.85 2.46 -13.08
N LYS D 132 -0.62 1.95 -13.07
CA LYS D 132 -0.40 0.51 -13.08
C LYS D 132 0.42 0.04 -11.89
N GLY D 133 0.45 0.82 -10.81
CA GLY D 133 1.18 0.47 -9.61
C GLY D 133 1.96 1.63 -9.01
N ALA D 134 2.34 2.61 -9.84
CA ALA D 134 3.20 3.68 -9.36
C ALA D 134 2.50 4.56 -8.32
N ALA D 135 1.18 4.67 -8.39
CA ALA D 135 0.45 5.41 -7.36
C ALA D 135 0.53 4.69 -6.02
N GLU D 136 0.44 3.36 -6.03
CA GLU D 136 0.62 2.58 -4.81
C GLU D 136 2.06 2.65 -4.31
N LEU D 137 3.03 2.66 -5.24
CA LEU D 137 4.42 2.80 -4.83
C LEU D 137 4.66 4.14 -4.15
N GLU D 138 4.02 5.21 -4.66
CA GLU D 138 4.19 6.53 -4.06
C GLU D 138 3.67 6.56 -2.62
N LYS D 139 2.54 5.88 -2.36
CA LYS D 139 2.03 5.79 -1.00
C LYS D 139 2.97 4.98 -0.12
N LEU D 140 3.59 3.94 -0.69
CA LEU D 140 4.54 3.13 0.07
C LEU D 140 5.77 3.94 0.45
N PHE D 141 6.29 4.75 -0.47
CA PHE D 141 7.39 5.66 -0.16
C PHE D 141 7.05 6.54 1.03
N LYS D 142 5.85 7.12 1.01
CA LYS D 142 5.44 8.03 2.07
C LYS D 142 5.30 7.31 3.41
N ALA D 143 4.72 6.11 3.39
CA ALA D 143 4.56 5.35 4.62
C ALA D 143 5.91 4.97 5.23
N VAL D 144 6.86 4.59 4.39
CA VAL D 144 8.19 4.22 4.88
C VAL D 144 8.99 5.45 5.28
N GLU D 145 8.83 6.55 4.54
CA GLU D 145 9.46 7.80 4.95
C GLU D 145 8.96 8.26 6.31
N ASN D 146 7.66 8.10 6.56
CA ASN D 146 7.11 8.45 7.87
C ASN D 146 7.64 7.51 8.95
N LEU D 147 7.78 6.22 8.62
CA LEU D 147 8.35 5.27 9.57
C LEU D 147 9.81 5.57 9.86
N ALA D 148 10.58 5.96 8.85
CA ALA D 148 11.99 6.25 9.05
C ALA D 148 12.19 7.45 9.96
N LYS D 149 11.41 8.52 9.74
CA LYS D 149 11.56 9.72 10.56
C LYS D 149 11.23 9.43 12.03
N ALA D 150 10.20 8.60 12.27
CA ALA D 150 9.85 8.27 13.65
C ALA D 150 10.91 7.42 14.32
N ALA D 151 11.50 6.48 13.57
CA ALA D 151 12.56 5.64 14.15
C ALA D 151 13.81 6.46 14.43
N LYS D 152 14.15 7.40 13.53
CA LYS D 152 15.30 8.26 13.75
C LYS D 152 15.09 9.20 14.93
N GLU D 153 13.83 9.55 15.21
CA GLU D 153 13.54 10.37 16.38
C GLU D 153 13.67 9.58 17.66
N MET D 154 13.31 8.29 17.65
CA MET D 154 13.48 7.46 18.84
C MET D 154 14.95 7.26 19.16
N LEU D 155 15.79 7.12 18.13
CA LEU D 155 17.23 6.98 18.37
C LEU D 155 17.82 8.28 18.88
N ALA D 156 17.32 9.42 18.40
CA ALA D 156 17.81 10.71 18.89
C ALA D 156 17.39 10.96 20.33
N ASN D 157 16.19 10.51 20.72
CA ASN D 157 15.76 10.66 22.11
C ASN D 157 16.54 9.75 23.03
N SER D 158 16.95 8.58 22.56
CA SER D 158 17.73 7.68 23.38
C SER D 158 19.12 8.24 23.65
N VAL D 159 19.75 8.84 22.63
CA VAL D 159 21.10 9.37 22.81
C VAL D 159 21.06 10.69 23.58
N LYS D 160 19.98 11.47 23.45
CA LYS D 160 19.89 12.73 24.18
C LYS D 160 19.54 12.51 25.64
N GLU D 161 18.97 11.36 25.99
CA GLU D 161 18.78 11.01 27.40
C GLU D 161 20.11 11.00 28.15
N LEU D 162 21.22 10.81 27.44
CA LEU D 162 22.55 10.79 28.03
C LEU D 162 23.14 12.19 28.21
N THR D 163 22.56 13.20 27.57
CA THR D 163 23.01 14.58 27.75
C THR D 163 21.86 15.57 27.50
#